data_1AXI
#
_entry.id   1AXI
#
_cell.length_a   65.600
_cell.length_b   65.600
_cell.length_c   231.700
_cell.angle_alpha   90.00
_cell.angle_beta   90.00
_cell.angle_gamma   90.00
#
_symmetry.space_group_name_H-M   'P 43 21 2'
#
loop_
_entity.id
_entity.type
_entity.pdbx_description
1 polymer 'GROWTH HORMONE'
2 polymer 'GROWTH HORMONE RECEPTOR'
3 non-polymer 'SULFATE ION'
4 water water
#
loop_
_entity_poly.entity_id
_entity_poly.type
_entity_poly.pdbx_seq_one_letter_code
_entity_poly.pdbx_strand_id
1 'polypeptide(L)'
;FPTIPLSRLFDNAMLRAHRLHQLAFDTYQEFEEAYIPKEQKYSFLQNPQTSLCFSESIPTPSNREETQQKSNLELLRISL
LLIQSWLEPVQFLRSVFANSLVYGASDSNVYDLLKDLEERIQTLMGRLTDGSPRTGQIFKQTYSKFDTNSHNDDALLKNY
GLLYCFRRDMTYVATYLRIVQCRSVEGSCGF
;
A
2 'polypeptide(L)'
;FSGSEATAAILSRAPWSLQSVNPGLKTNSSGEPKFTKCRSPERETFSCHWTDEVHHGTKNEGPIQLFYTRRNTQEWTQEW
KECPDYVSAGENSCYFNSSFTSIAIPYCIKLTSNGGTVDEKCFSVDEIVQPDPPIALNWTLLNVSLTGIHADIQVRWEAP
RNADIQKGWMVLEYELQYKEVNETKWKMMDPILTTSVPVYSLKVDKEYEVRVRSKQRNSGNYGEFSEVLYVTLPQM
;
B
#
loop_
_chem_comp.id
_chem_comp.type
_chem_comp.name
_chem_comp.formula
SO4 non-polymer 'SULFATE ION' 'O4 S -2'
#
# COMPACT_ATOMS: atom_id res chain seq x y z
N THR A 3 22.94 -24.75 -1.30
CA THR A 3 22.38 -24.22 -0.01
C THR A 3 20.93 -24.65 0.20
N ILE A 4 20.52 -24.76 1.47
CA ILE A 4 19.12 -25.09 1.76
C ILE A 4 18.29 -23.94 1.15
N PRO A 5 17.19 -24.26 0.51
CA PRO A 5 16.33 -23.29 -0.13
C PRO A 5 15.86 -22.22 0.84
N LEU A 6 15.79 -20.96 0.45
CA LEU A 6 15.42 -19.88 1.37
C LEU A 6 13.95 -19.50 1.40
N SER A 7 13.18 -20.14 0.53
CA SER A 7 11.81 -19.80 0.28
C SER A 7 11.00 -19.91 1.56
N ARG A 8 11.16 -20.97 2.35
CA ARG A 8 10.40 -21.15 3.56
C ARG A 8 10.68 -20.04 4.59
N LEU A 9 11.96 -19.68 4.78
CA LEU A 9 12.27 -18.62 5.76
C LEU A 9 11.71 -17.26 5.29
N PHE A 10 11.84 -16.90 4.02
CA PHE A 10 11.33 -15.66 3.46
C PHE A 10 9.80 -15.65 3.61
N ASP A 11 9.13 -16.78 3.40
CA ASP A 11 7.67 -16.82 3.52
C ASP A 11 7.22 -16.52 4.97
N ASN A 12 7.98 -17.09 5.91
CA ASN A 12 7.65 -16.91 7.31
C ASN A 12 8.00 -15.50 7.80
N ALA A 13 9.12 -14.92 7.39
CA ALA A 13 9.50 -13.57 7.73
C ALA A 13 8.48 -12.57 7.11
N MET A 14 8.01 -12.83 5.89
CA MET A 14 7.07 -11.93 5.20
C MET A 14 5.68 -11.95 5.83
N LEU A 15 5.25 -13.08 6.36
CA LEU A 15 3.98 -13.22 7.07
C LEU A 15 3.93 -12.29 8.30
N ARG A 16 4.96 -12.28 9.14
CA ARG A 16 5.10 -11.42 10.28
C ARG A 16 5.31 -9.95 9.91
N ALA A 17 6.05 -9.61 8.87
CA ALA A 17 6.20 -8.22 8.44
C ALA A 17 4.87 -7.61 7.96
N HIS A 18 4.13 -8.38 7.18
CA HIS A 18 2.83 -7.93 6.65
C HIS A 18 1.83 -7.73 7.79
N ARG A 19 1.82 -8.64 8.75
CA ARG A 19 0.94 -8.54 9.92
C ARG A 19 1.30 -7.30 10.76
N LEU A 20 2.60 -7.05 10.96
CA LEU A 20 2.98 -5.81 11.67
C LEU A 20 2.53 -4.55 10.92
N HIS A 21 2.73 -4.58 9.58
CA HIS A 21 2.31 -3.46 8.74
C HIS A 21 0.81 -3.24 8.78
N GLN A 22 0.03 -4.33 8.68
CA GLN A 22 -1.42 -4.24 8.74
C GLN A 22 -1.91 -3.71 10.06
N LEU A 23 -1.40 -4.21 11.17
CA LEU A 23 -1.73 -3.77 12.51
C LEU A 23 -1.42 -2.28 12.70
N ALA A 24 -0.24 -1.83 12.26
CA ALA A 24 0.12 -0.42 12.33
C ALA A 24 -0.81 0.45 11.49
N PHE A 25 -1.12 0.03 10.25
CA PHE A 25 -1.98 0.86 9.42
C PHE A 25 -3.42 1.00 9.97
N ASP A 26 -4.02 -0.08 10.39
CA ASP A 26 -5.38 -0.15 10.89
C ASP A 26 -5.56 0.55 12.23
N THR A 27 -4.58 0.47 13.10
CA THR A 27 -4.52 1.14 14.39
C THR A 27 -4.34 2.63 14.27
N TYR A 28 -3.49 3.09 13.33
CA TYR A 28 -3.37 4.50 13.04
C TYR A 28 -4.72 5.04 12.50
N GLN A 29 -5.31 4.40 11.50
CA GLN A 29 -6.55 4.86 10.90
C GLN A 29 -7.68 4.97 11.94
N GLU A 30 -7.94 3.93 12.72
CA GLU A 30 -8.97 3.94 13.76
C GLU A 30 -8.77 5.11 14.71
N PHE A 31 -7.56 5.23 15.27
CA PHE A 31 -7.21 6.30 16.15
C PHE A 31 -7.50 7.68 15.54
N GLU A 32 -6.98 7.94 14.36
CA GLU A 32 -7.17 9.23 13.68
C GLU A 32 -8.64 9.55 13.48
N GLU A 33 -9.47 8.63 13.03
CA GLU A 33 -10.88 8.74 12.77
C GLU A 33 -11.71 9.00 14.05
N ALA A 34 -11.29 8.40 15.16
CA ALA A 34 -12.00 8.59 16.41
C ALA A 34 -11.61 9.83 17.21
N TYR A 35 -10.32 10.11 17.36
CA TYR A 35 -9.83 11.16 18.21
C TYR A 35 -9.30 12.43 17.59
N ILE A 36 -9.17 12.57 16.27
CA ILE A 36 -8.45 13.72 15.75
C ILE A 36 -9.30 14.47 14.73
N PRO A 37 -9.84 15.62 15.09
CA PRO A 37 -10.62 16.43 14.15
C PRO A 37 -9.69 16.89 13.00
N LYS A 38 -10.23 17.22 11.84
CA LYS A 38 -9.51 17.65 10.66
C LYS A 38 -8.59 18.84 10.80
N GLU A 39 -8.82 19.79 11.69
CA GLU A 39 -7.93 20.94 11.87
C GLU A 39 -6.69 20.57 12.64
N GLN A 40 -6.82 19.69 13.63
CA GLN A 40 -5.67 19.22 14.40
C GLN A 40 -4.84 18.29 13.46
N LYS A 41 -5.52 17.57 12.58
CA LYS A 41 -4.79 16.74 11.60
C LYS A 41 -3.91 17.61 10.69
N TYR A 42 -4.48 18.65 10.08
CA TYR A 42 -3.69 19.55 9.22
C TYR A 42 -2.51 20.17 9.98
N SER A 43 -2.74 20.71 11.18
CA SER A 43 -1.64 21.27 11.94
C SER A 43 -0.56 20.21 12.17
N PHE A 44 -0.96 19.02 12.63
CA PHE A 44 0.00 17.94 12.86
C PHE A 44 0.78 17.59 11.59
N LEU A 45 0.11 17.37 10.47
CA LEU A 45 0.80 16.93 9.24
C LEU A 45 1.56 18.02 8.50
N GLN A 46 1.25 19.29 8.75
CA GLN A 46 1.95 20.43 8.19
C GLN A 46 3.26 20.71 8.93
N ASN A 47 3.36 20.22 10.17
CA ASN A 47 4.56 20.50 10.95
C ASN A 47 5.63 19.41 10.80
N PRO A 48 6.84 19.81 10.42
CA PRO A 48 7.99 18.95 10.25
C PRO A 48 8.75 18.66 11.52
N SER A 51 6.60 15.48 11.70
CA SER A 51 6.92 14.05 11.79
C SER A 51 8.38 13.69 11.65
N LEU A 52 9.26 14.21 12.52
CA LEU A 52 10.66 13.73 12.48
C LEU A 52 10.67 12.65 13.59
N CYS A 53 10.53 11.40 13.21
CA CYS A 53 10.39 10.29 14.16
C CYS A 53 11.68 10.06 14.90
N PHE A 54 11.68 9.44 16.07
CA PHE A 54 12.94 9.07 16.73
C PHE A 54 13.78 8.20 15.82
N SER A 55 13.25 7.44 14.83
CA SER A 55 14.10 6.64 13.96
C SER A 55 14.79 7.37 12.81
N GLU A 56 14.73 8.67 12.67
CA GLU A 56 15.37 9.44 11.60
C GLU A 56 16.87 9.36 11.57
N SER A 57 17.56 8.85 12.57
CA SER A 57 19.00 8.63 12.47
C SER A 57 19.27 7.44 11.54
N ILE A 58 18.30 6.53 11.37
CA ILE A 58 18.51 5.39 10.47
C ILE A 58 18.15 5.86 9.06
N PRO A 59 19.10 5.74 8.16
CA PRO A 59 18.88 6.26 6.80
C PRO A 59 17.97 5.32 6.06
N THR A 60 16.82 5.75 5.57
CA THR A 60 15.80 4.99 4.93
C THR A 60 15.42 5.53 3.55
N PRO A 61 15.77 4.85 2.46
CA PRO A 61 15.42 5.31 1.12
C PRO A 61 13.89 5.35 0.98
N SER A 62 13.36 6.28 0.21
CA SER A 62 11.91 6.42 0.13
C SER A 62 11.27 6.54 -1.24
N ASN A 63 11.92 6.09 -2.31
CA ASN A 63 11.42 6.03 -3.66
C ASN A 63 12.05 4.74 -4.25
N ARG A 64 11.39 4.25 -5.28
CA ARG A 64 11.72 2.99 -5.87
C ARG A 64 13.17 2.90 -6.36
N GLU A 65 13.62 3.88 -7.15
CA GLU A 65 14.98 3.80 -7.67
C GLU A 65 16.02 3.78 -6.55
N GLU A 66 15.93 4.67 -5.56
CA GLU A 66 16.95 4.68 -4.53
C GLU A 66 16.94 3.43 -3.67
N THR A 67 15.78 2.84 -3.45
CA THR A 67 15.66 1.67 -2.61
C THR A 67 16.29 0.50 -3.36
N GLN A 68 15.90 0.32 -4.63
CA GLN A 68 16.44 -0.83 -5.36
C GLN A 68 17.92 -0.74 -5.65
N GLN A 69 18.62 0.39 -5.54
CA GLN A 69 20.04 0.54 -5.69
C GLN A 69 20.79 -0.06 -4.49
N LYS A 70 20.14 -0.18 -3.34
CA LYS A 70 20.74 -0.77 -2.16
C LYS A 70 20.99 -2.27 -2.32
N SER A 71 21.98 -2.86 -1.70
CA SER A 71 22.25 -4.27 -1.68
C SER A 71 21.28 -5.02 -0.76
N ASN A 72 21.27 -6.34 -0.82
CA ASN A 72 20.38 -7.14 0.00
C ASN A 72 20.68 -7.00 1.50
N LEU A 73 21.97 -7.02 1.81
CA LEU A 73 22.44 -6.89 3.19
C LEU A 73 22.17 -5.50 3.75
N GLU A 74 22.28 -4.44 2.95
CA GLU A 74 21.94 -3.11 3.44
C GLU A 74 20.45 -3.05 3.79
N LEU A 75 19.60 -3.52 2.89
CA LEU A 75 18.13 -3.46 3.12
C LEU A 75 17.71 -4.34 4.31
N LEU A 76 18.37 -5.49 4.52
CA LEU A 76 18.05 -6.31 5.67
C LEU A 76 18.56 -5.58 6.95
N ARG A 77 19.72 -4.95 6.88
CA ARG A 77 20.33 -4.29 8.04
C ARG A 77 19.47 -3.08 8.47
N ILE A 78 18.99 -2.30 7.50
CA ILE A 78 18.12 -1.19 7.84
C ILE A 78 16.85 -1.75 8.46
N SER A 79 16.26 -2.83 7.91
CA SER A 79 15.07 -3.43 8.49
C SER A 79 15.27 -3.89 9.90
N LEU A 80 16.46 -4.46 10.13
CA LEU A 80 16.82 -4.95 11.45
C LEU A 80 16.84 -3.80 12.45
N LEU A 81 17.48 -2.69 12.14
CA LEU A 81 17.56 -1.54 13.05
C LEU A 81 16.20 -0.88 13.26
N LEU A 82 15.32 -0.84 12.24
CA LEU A 82 13.98 -0.30 12.47
C LEU A 82 13.19 -1.12 13.46
N ILE A 83 13.19 -2.46 13.32
CA ILE A 83 12.47 -3.37 14.20
C ILE A 83 13.02 -3.25 15.64
N GLN A 84 14.35 -3.26 15.76
CA GLN A 84 14.96 -3.14 17.10
C GLN A 84 14.67 -1.82 17.77
N SER A 85 14.51 -0.72 17.00
CA SER A 85 14.16 0.58 17.59
C SER A 85 12.80 0.57 18.28
N TRP A 86 11.89 -0.34 17.97
CA TRP A 86 10.55 -0.39 18.51
C TRP A 86 10.34 -1.37 19.67
N LEU A 87 11.34 -2.14 20.05
CA LEU A 87 11.29 -3.13 21.13
C LEU A 87 10.94 -2.51 22.48
N GLU A 88 11.54 -1.36 22.80
CA GLU A 88 11.21 -0.64 24.05
C GLU A 88 10.04 0.30 23.92
N PRO A 89 10.01 1.21 22.94
CA PRO A 89 8.94 2.16 22.72
C PRO A 89 7.53 1.68 22.51
N VAL A 90 7.36 0.44 22.00
CA VAL A 90 6.08 -0.16 21.75
C VAL A 90 5.28 -0.28 23.04
N GLN A 91 5.96 -0.38 24.20
CA GLN A 91 5.20 -0.39 25.47
C GLN A 91 4.49 0.93 25.76
N PHE A 92 4.84 2.04 25.13
CA PHE A 92 4.14 3.30 25.21
C PHE A 92 2.88 3.36 24.35
N LEU A 93 2.51 2.27 23.68
CA LEU A 93 1.28 2.25 22.89
C LEU A 93 0.33 1.28 23.58
N ARG A 94 0.66 0.93 24.82
CA ARG A 94 -0.14 0.00 25.60
C ARG A 94 -1.61 0.41 25.68
N SER A 95 -1.87 1.64 26.12
CA SER A 95 -3.25 2.10 26.23
C SER A 95 -3.88 2.29 24.86
N VAL A 96 -3.12 2.79 23.87
CA VAL A 96 -3.66 2.88 22.53
C VAL A 96 -4.22 1.52 22.08
N PHE A 97 -3.38 0.49 22.07
CA PHE A 97 -3.76 -0.82 21.59
C PHE A 97 -4.80 -1.54 22.45
N ALA A 98 -4.94 -1.22 23.73
CA ALA A 98 -5.93 -1.92 24.57
C ALA A 98 -7.33 -1.38 24.31
N ASN A 99 -7.43 -0.08 24.04
CA ASN A 99 -8.69 0.56 23.70
C ASN A 99 -9.12 0.31 22.26
N SER A 100 -8.23 -0.20 21.41
CA SER A 100 -8.45 -0.46 20.01
C SER A 100 -9.45 -1.57 19.70
N LEU A 101 -10.20 -1.45 18.60
CA LEU A 101 -11.06 -2.53 18.19
C LEU A 101 -10.35 -3.40 17.15
N VAL A 102 -9.07 -3.16 16.87
CA VAL A 102 -8.36 -3.99 15.88
C VAL A 102 -8.00 -5.35 16.47
N TYR A 103 -8.46 -6.45 15.85
CA TYR A 103 -8.19 -7.78 16.42
C TYR A 103 -6.69 -8.07 16.47
N GLY A 104 -6.17 -8.40 17.65
CA GLY A 104 -4.77 -8.71 17.81
C GLY A 104 -3.88 -7.58 18.28
N ALA A 105 -4.44 -6.37 18.42
CA ALA A 105 -3.61 -5.26 18.87
C ALA A 105 -3.51 -5.18 20.40
N SER A 106 -2.34 -5.43 20.92
CA SER A 106 -1.98 -5.28 22.32
C SER A 106 -0.47 -5.06 22.30
N ASP A 107 0.10 -4.36 23.28
CA ASP A 107 1.55 -4.20 23.22
C ASP A 107 2.24 -5.55 23.38
N SER A 108 1.73 -6.49 24.18
CA SER A 108 2.38 -7.80 24.34
C SER A 108 2.47 -8.58 23.02
N ASN A 109 1.32 -8.64 22.35
CA ASN A 109 1.25 -9.30 21.05
C ASN A 109 2.19 -8.58 20.08
N VAL A 110 2.20 -7.25 19.99
CA VAL A 110 3.11 -6.54 19.10
C VAL A 110 4.55 -6.72 19.53
N TYR A 111 4.88 -6.56 20.81
CA TYR A 111 6.24 -6.87 21.24
C TYR A 111 6.70 -8.26 20.74
N ASP A 112 5.87 -9.30 20.90
CA ASP A 112 6.21 -10.67 20.49
C ASP A 112 6.54 -10.81 19.01
N LEU A 113 5.70 -10.21 18.19
CA LEU A 113 5.90 -10.10 16.76
C LEU A 113 7.26 -9.44 16.40
N LEU A 114 7.58 -8.30 17.03
CA LEU A 114 8.84 -7.62 16.71
C LEU A 114 10.03 -8.48 17.05
N LYS A 115 10.01 -9.05 18.28
CA LYS A 115 11.12 -9.94 18.68
C LYS A 115 11.30 -11.14 17.72
N ASP A 116 10.20 -11.79 17.38
CA ASP A 116 10.19 -12.90 16.42
C ASP A 116 10.77 -12.44 15.10
N LEU A 117 10.30 -11.30 14.52
CA LEU A 117 10.90 -10.80 13.28
C LEU A 117 12.37 -10.44 13.39
N GLU A 118 12.77 -9.73 14.45
CA GLU A 118 14.23 -9.42 14.63
C GLU A 118 15.09 -10.70 14.53
N GLU A 119 14.77 -11.78 15.23
CA GLU A 119 15.54 -13.02 15.09
C GLU A 119 15.47 -13.57 13.65
N ARG A 120 14.32 -13.48 12.98
CA ARG A 120 14.29 -14.01 11.58
C ARG A 120 15.14 -13.21 10.63
N ILE A 121 15.21 -11.88 10.81
CA ILE A 121 16.01 -11.05 9.94
C ILE A 121 17.47 -11.45 10.22
N GLN A 122 17.87 -11.57 11.50
CA GLN A 122 19.23 -11.99 11.82
C GLN A 122 19.58 -13.34 11.16
N THR A 123 18.70 -14.32 11.17
CA THR A 123 19.05 -15.59 10.45
C THR A 123 19.23 -15.37 8.97
N LEU A 124 18.38 -14.52 8.36
CA LEU A 124 18.45 -14.23 6.92
C LEU A 124 19.74 -13.50 6.57
N MET A 125 20.23 -12.59 7.40
CA MET A 125 21.50 -11.93 7.12
C MET A 125 22.66 -12.93 7.23
N GLY A 126 22.54 -13.92 8.10
CA GLY A 126 23.54 -14.98 8.23
C GLY A 126 23.62 -15.80 6.94
N ARG A 127 22.47 -16.14 6.37
CA ARG A 127 22.41 -16.90 5.13
C ARG A 127 22.87 -16.15 3.90
N LEU A 128 22.85 -14.81 3.89
CA LEU A 128 23.23 -14.11 2.67
C LEU A 128 24.59 -13.45 2.84
N THR A 129 25.29 -13.75 3.94
CA THR A 129 26.59 -13.16 4.21
C THR A 129 27.42 -12.93 2.95
N GLY A 136 30.64 0.56 5.80
CA GLY A 136 29.45 1.41 5.66
C GLY A 136 28.89 1.78 7.02
N GLN A 137 28.49 3.04 7.22
CA GLN A 137 27.95 3.51 8.49
C GLN A 137 26.87 2.58 9.06
N ILE A 138 25.93 2.18 8.20
CA ILE A 138 24.81 1.33 8.58
C ILE A 138 25.14 0.06 9.30
N PHE A 139 26.30 -0.56 9.02
CA PHE A 139 26.75 -1.71 9.81
C PHE A 139 27.46 -1.23 11.07
N LYS A 140 27.79 0.05 11.18
CA LYS A 140 28.42 0.60 12.38
C LYS A 140 27.43 1.12 13.42
N GLN A 141 26.36 1.77 12.97
CA GLN A 141 25.40 2.37 13.91
C GLN A 141 24.52 1.36 14.64
N THR A 142 23.73 1.90 15.58
CA THR A 142 22.91 1.05 16.43
C THR A 142 21.48 1.49 16.19
N TYR A 143 20.54 0.88 16.88
CA TYR A 143 19.15 1.24 16.75
C TYR A 143 18.83 2.55 17.50
N SER A 144 17.76 3.21 17.10
CA SER A 144 17.32 4.46 17.68
C SER A 144 16.62 4.35 19.04
N LYS A 145 16.77 5.44 19.79
CA LYS A 145 16.19 5.56 21.13
C LYS A 145 15.07 6.60 21.18
N PHE A 146 14.04 6.34 21.97
CA PHE A 146 12.93 7.27 22.02
C PHE A 146 12.94 8.09 23.32
N ASP A 147 12.44 9.32 23.22
CA ASP A 147 12.30 10.33 24.23
C ASP A 147 11.55 10.05 25.52
N THR A 148 10.91 11.07 26.06
CA THR A 148 10.22 11.00 27.35
C THR A 148 8.85 10.34 27.27
N ALA A 155 -0.36 14.16 25.23
CA ALA A 155 -0.71 12.78 25.60
C ALA A 155 -1.43 12.09 24.45
N LEU A 156 -2.31 12.88 23.82
CA LEU A 156 -3.08 12.32 22.71
C LEU A 156 -2.31 12.65 21.42
N LEU A 157 -1.52 13.72 21.49
CA LEU A 157 -0.72 14.09 20.33
C LEU A 157 0.59 13.30 20.39
N LYS A 158 0.88 12.88 21.62
CA LYS A 158 2.05 12.06 21.89
C LYS A 158 1.72 10.65 21.39
N ASN A 159 0.47 10.22 21.54
CA ASN A 159 0.07 8.92 21.04
C ASN A 159 -0.09 8.92 19.52
N TYR A 160 -0.59 10.00 18.93
CA TYR A 160 -0.81 10.19 17.51
C TYR A 160 0.54 10.22 16.75
N GLY A 161 1.50 10.91 17.36
CA GLY A 161 2.87 11.03 16.84
C GLY A 161 3.58 9.66 16.86
N LEU A 162 3.44 8.93 17.96
CA LEU A 162 3.97 7.61 18.08
C LEU A 162 3.38 6.65 17.04
N LEU A 163 2.05 6.67 16.90
CA LEU A 163 1.36 5.80 15.96
C LEU A 163 1.79 6.15 14.54
N TYR A 164 1.95 7.44 14.27
CA TYR A 164 2.43 7.91 13.00
C TYR A 164 3.78 7.28 12.66
N CYS A 165 4.71 7.33 13.61
CA CYS A 165 6.06 6.79 13.42
C CYS A 165 6.04 5.25 13.31
N PHE A 166 5.19 4.56 14.06
CA PHE A 166 5.12 3.10 13.96
C PHE A 166 4.62 2.66 12.58
N ARG A 167 3.59 3.31 12.04
CA ARG A 167 3.05 3.04 10.74
C ARG A 167 4.15 3.16 9.67
N ARG A 168 4.82 4.29 9.64
CA ARG A 168 5.93 4.57 8.79
C ARG A 168 7.04 3.52 8.80
N ASP A 169 7.59 3.23 9.98
CA ASP A 169 8.66 2.25 10.12
C ASP A 169 8.22 0.84 9.74
N MET A 170 7.01 0.38 10.11
CA MET A 170 6.55 -0.95 9.68
C MET A 170 6.37 -0.94 8.15
N THR A 171 5.92 0.20 7.58
CA THR A 171 5.76 0.28 6.13
C THR A 171 7.10 0.00 5.40
N TYR A 172 8.16 0.64 5.90
CA TYR A 172 9.49 0.47 5.38
C TYR A 172 9.98 -0.96 5.45
N VAL A 173 9.79 -1.55 6.63
CA VAL A 173 10.23 -2.95 6.79
C VAL A 173 9.52 -3.89 5.84
N ALA A 174 8.19 -3.80 5.70
CA ALA A 174 7.49 -4.69 4.78
C ALA A 174 7.96 -4.56 3.33
N THR A 175 8.24 -3.38 2.86
CA THR A 175 8.75 -3.08 1.55
C THR A 175 10.19 -3.54 1.31
N TYR A 176 11.08 -3.21 2.23
CA TYR A 176 12.48 -3.63 2.13
C TYR A 176 12.59 -5.17 2.16
N LEU A 177 11.76 -5.82 2.98
CA LEU A 177 11.85 -7.26 3.08
C LEU A 177 11.33 -7.89 1.78
N ARG A 178 10.25 -7.35 1.19
CA ARG A 178 9.71 -7.89 -0.05
C ARG A 178 10.71 -7.79 -1.18
N ILE A 179 11.40 -6.64 -1.33
CA ILE A 179 12.42 -6.46 -2.33
C ILE A 179 13.53 -7.51 -2.25
N VAL A 180 14.07 -7.80 -1.07
CA VAL A 180 15.10 -8.81 -0.90
C VAL A 180 14.53 -10.16 -1.29
N GLN A 181 13.35 -10.54 -0.87
CA GLN A 181 12.70 -11.78 -1.24
C GLN A 181 12.64 -11.91 -2.76
N CYS A 182 12.06 -10.94 -3.47
CA CYS A 182 11.94 -11.02 -4.91
C CYS A 182 13.32 -11.22 -5.56
N ARG A 183 14.38 -10.59 -5.07
CA ARG A 183 15.69 -10.82 -5.71
C ARG A 183 16.43 -12.07 -5.30
N SER A 184 16.08 -12.70 -4.17
CA SER A 184 16.83 -13.80 -3.62
C SER A 184 16.13 -15.14 -3.84
N VAL A 185 14.83 -15.09 -4.07
CA VAL A 185 14.09 -16.32 -4.18
C VAL A 185 13.54 -16.49 -5.60
N GLU A 186 14.02 -17.62 -6.10
CA GLU A 186 13.64 -18.23 -7.35
C GLU A 186 12.54 -17.55 -8.09
N GLY A 187 11.28 -17.95 -7.97
CA GLY A 187 10.31 -17.21 -8.84
C GLY A 187 9.27 -16.58 -7.93
N SER A 188 9.69 -16.01 -6.82
CA SER A 188 8.75 -15.50 -5.83
C SER A 188 7.81 -14.43 -6.36
N CYS A 189 8.23 -13.42 -7.09
CA CYS A 189 7.32 -12.36 -7.52
C CYS A 189 7.11 -12.24 -9.02
N GLY A 190 6.75 -13.27 -9.76
CA GLY A 190 6.59 -13.05 -11.24
C GLY A 190 7.23 -14.25 -11.92
N PHE A 191 7.19 -15.30 -11.12
CA PHE A 191 7.46 -16.69 -11.35
C PHE A 191 7.96 -17.00 -12.74
N GLU B 32 -15.22 28.25 -2.87
CA GLU B 32 -16.32 27.32 -3.22
C GLU B 32 -15.78 26.10 -3.94
N PRO B 33 -14.89 26.23 -4.91
CA PRO B 33 -14.24 25.07 -5.52
C PRO B 33 -13.68 24.18 -4.40
N LYS B 34 -13.76 22.86 -4.48
CA LYS B 34 -13.24 21.96 -3.46
C LYS B 34 -12.49 20.79 -4.12
N PHE B 35 -11.53 20.21 -3.38
CA PHE B 35 -10.84 19.03 -3.85
C PHE B 35 -11.81 17.85 -3.96
N THR B 36 -11.69 17.05 -5.00
CA THR B 36 -12.50 15.84 -5.13
C THR B 36 -11.58 14.72 -4.62
N LYS B 37 -10.49 14.45 -5.35
CA LYS B 37 -9.53 13.48 -4.81
C LYS B 37 -8.08 13.54 -5.29
N CYS B 38 -7.18 12.87 -4.55
CA CYS B 38 -5.80 12.66 -4.90
C CYS B 38 -5.57 11.14 -5.06
N ARG B 39 -4.76 10.76 -6.04
CA ARG B 39 -4.47 9.32 -6.23
C ARG B 39 -3.07 9.05 -6.76
N SER B 40 -2.38 8.02 -6.30
CA SER B 40 -1.14 7.52 -6.88
C SER B 40 -1.42 6.17 -7.57
N PRO B 41 -1.22 6.00 -8.86
CA PRO B 41 -1.53 4.75 -9.50
C PRO B 41 -0.50 3.63 -9.20
N GLU B 42 0.76 3.95 -8.95
CA GLU B 42 1.78 2.91 -8.86
C GLU B 42 2.76 3.13 -7.73
N ARG B 43 2.37 3.99 -6.77
CA ARG B 43 3.28 4.33 -5.69
C ARG B 43 4.50 5.06 -6.17
N GLU B 44 4.52 5.75 -7.34
CA GLU B 44 5.72 6.41 -7.78
C GLU B 44 5.44 7.86 -8.21
N THR B 45 4.26 8.15 -8.71
CA THR B 45 3.81 9.48 -9.10
C THR B 45 2.44 9.76 -8.44
N PHE B 46 1.85 10.94 -8.51
CA PHE B 46 0.50 11.15 -8.00
C PHE B 46 -0.14 12.36 -8.65
N SER B 47 -1.45 12.46 -8.59
CA SER B 47 -2.15 13.62 -9.10
C SER B 47 -3.34 13.97 -8.20
N CYS B 48 -3.79 15.24 -8.18
CA CYS B 48 -4.84 15.74 -7.32
C CYS B 48 -5.86 16.47 -8.20
N HIS B 49 -7.16 16.49 -7.90
CA HIS B 49 -8.19 17.01 -8.77
C HIS B 49 -9.18 17.82 -7.95
N TRP B 50 -9.82 18.81 -8.57
CA TRP B 50 -10.75 19.64 -7.81
C TRP B 50 -11.97 19.96 -8.67
N THR B 51 -13.08 20.41 -8.11
CA THR B 51 -14.30 20.67 -8.87
C THR B 51 -14.26 22.06 -9.49
N ASP B 52 -14.91 22.23 -10.64
CA ASP B 52 -14.94 23.54 -11.28
C ASP B 52 -16.02 24.42 -10.67
N GLU B 61 -12.62 34.48 -6.49
CA GLU B 61 -12.60 34.14 -7.92
C GLU B 61 -11.20 34.19 -8.55
N GLY B 62 -11.19 34.32 -9.86
CA GLY B 62 -9.97 34.36 -10.70
C GLY B 62 -9.55 32.90 -10.85
N PRO B 63 -8.47 32.60 -11.55
CA PRO B 63 -7.95 31.24 -11.63
C PRO B 63 -7.64 30.62 -10.27
N ILE B 64 -7.95 29.31 -10.21
CA ILE B 64 -7.71 28.53 -8.98
C ILE B 64 -6.30 27.98 -9.00
N GLN B 65 -5.54 28.18 -7.92
CA GLN B 65 -4.18 27.68 -7.85
C GLN B 65 -4.09 26.53 -6.84
N LEU B 66 -3.06 25.69 -7.01
CA LEU B 66 -2.68 24.65 -6.07
C LEU B 66 -1.28 24.91 -5.55
N PHE B 67 -1.10 24.88 -4.23
CA PHE B 67 0.16 24.96 -3.53
C PHE B 67 0.38 23.68 -2.68
N TYR B 68 1.60 23.22 -2.57
CA TYR B 68 1.89 22.03 -1.76
C TYR B 68 3.09 22.29 -0.85
N THR B 69 3.16 21.50 0.24
CA THR B 69 4.27 21.49 1.18
C THR B 69 4.59 20.04 1.59
N ARG B 70 5.85 19.67 1.65
CA ARG B 70 6.27 18.34 2.08
C ARG B 70 7.57 18.52 2.89
N ARG B 71 7.83 17.66 3.88
CA ARG B 71 9.08 17.79 4.63
C ARG B 71 10.22 17.51 3.64
N ASN B 72 10.98 18.50 3.21
CA ASN B 72 12.08 18.26 2.26
C ASN B 72 12.70 19.61 1.88
N GLU B 79 8.86 24.83 2.60
CA GLU B 79 7.42 25.03 2.81
C GLU B 79 6.60 25.20 1.55
N TRP B 80 5.77 26.20 1.29
CA TRP B 80 4.86 26.21 0.16
C TRP B 80 5.38 26.52 -1.21
N LYS B 81 5.08 25.68 -2.21
CA LYS B 81 5.46 25.82 -3.60
C LYS B 81 4.22 25.62 -4.48
N GLU B 82 4.15 26.28 -5.63
CA GLU B 82 3.00 26.16 -6.51
C GLU B 82 3.05 24.82 -7.26
N CYS B 83 1.92 24.27 -7.62
CA CYS B 83 1.81 23.05 -8.44
C CYS B 83 2.85 23.11 -9.55
N PRO B 84 3.61 22.03 -9.69
CA PRO B 84 4.60 21.94 -10.75
C PRO B 84 4.00 21.67 -12.11
N ASP B 85 2.78 21.16 -12.26
CA ASP B 85 2.30 20.81 -13.64
C ASP B 85 0.80 20.77 -13.70
N TYR B 86 0.16 21.80 -14.25
CA TYR B 86 -1.29 21.87 -14.30
C TYR B 86 -1.95 21.21 -15.51
N VAL B 87 -1.22 20.68 -16.44
CA VAL B 87 -1.73 20.06 -17.66
C VAL B 87 -1.77 18.51 -17.73
N SER B 88 -0.72 17.79 -17.33
CA SER B 88 -0.68 16.36 -17.55
C SER B 88 -1.88 15.57 -17.04
N ALA B 89 -2.46 15.89 -15.89
CA ALA B 89 -3.57 15.07 -15.39
C ALA B 89 -4.93 15.60 -15.77
N GLY B 90 -4.99 16.54 -16.71
CA GLY B 90 -6.22 17.11 -17.23
C GLY B 90 -6.63 18.42 -16.55
N GLU B 91 -7.87 18.78 -16.81
CA GLU B 91 -8.46 20.03 -16.31
C GLU B 91 -8.65 20.05 -14.81
N ASN B 92 -8.48 21.18 -14.13
CA ASN B 92 -8.60 21.23 -12.68
C ASN B 92 -7.87 20.10 -11.96
N SER B 93 -6.60 19.97 -12.27
CA SER B 93 -5.69 18.98 -11.72
C SER B 93 -4.24 19.45 -11.60
N CYS B 94 -3.44 18.76 -10.79
CA CYS B 94 -2.00 18.98 -10.62
C CYS B 94 -1.32 17.60 -10.71
N TYR B 95 -0.25 17.46 -11.44
CA TYR B 95 0.49 16.23 -11.63
C TYR B 95 1.89 16.29 -11.01
N PHE B 96 2.21 15.28 -10.18
CA PHE B 96 3.49 15.23 -9.50
C PHE B 96 4.28 14.02 -9.95
N ASN B 97 5.33 14.28 -10.75
CA ASN B 97 6.13 13.17 -11.24
C ASN B 97 6.97 12.50 -10.15
N SER B 98 7.79 11.51 -10.50
CA SER B 98 8.59 10.72 -9.59
C SER B 98 9.65 11.56 -8.90
N SER B 99 10.11 12.69 -9.50
CA SER B 99 11.00 13.53 -8.68
C SER B 99 10.28 14.20 -7.51
N PHE B 100 8.96 14.31 -7.38
CA PHE B 100 8.37 14.98 -6.22
C PHE B 100 7.71 14.00 -5.23
N THR B 101 7.83 12.68 -5.52
CA THR B 101 7.03 11.67 -4.82
C THR B 101 7.88 10.73 -3.98
N SER B 102 7.55 10.75 -2.69
CA SER B 102 8.28 9.93 -1.71
C SER B 102 7.32 9.28 -0.72
N ILE B 103 7.51 8.01 -0.38
CA ILE B 103 6.66 7.28 0.54
C ILE B 103 7.01 7.64 1.97
N ALA B 104 6.12 7.34 2.90
CA ALA B 104 6.28 7.60 4.30
C ALA B 104 6.22 9.07 4.72
N ILE B 105 6.56 10.11 3.99
CA ILE B 105 6.44 11.49 4.38
C ILE B 105 5.10 12.15 4.09
N PRO B 106 4.55 13.01 4.94
CA PRO B 106 3.28 13.65 4.77
C PRO B 106 3.32 14.84 3.78
N TYR B 107 2.32 14.96 2.95
CA TYR B 107 2.11 16.05 2.01
C TYR B 107 0.92 16.90 2.43
N CYS B 108 0.94 18.24 2.26
CA CYS B 108 -0.28 18.99 2.49
C CYS B 108 -0.45 19.87 1.24
N ILE B 109 -1.67 19.97 0.77
CA ILE B 109 -2.04 20.75 -0.39
C ILE B 109 -3.15 21.76 -0.02
N LYS B 110 -3.10 22.91 -0.71
CA LYS B 110 -4.10 23.98 -0.48
C LYS B 110 -4.59 24.55 -1.80
N LEU B 111 -5.90 24.68 -1.96
CA LEU B 111 -6.48 25.23 -3.18
C LEU B 111 -6.72 26.74 -2.83
N THR B 112 -6.31 27.65 -3.71
CA THR B 112 -6.42 29.06 -3.42
C THR B 112 -7.01 29.86 -4.58
N SER B 113 -7.81 30.84 -4.24
CA SER B 113 -8.47 31.80 -5.13
C SER B 113 -7.88 33.19 -4.93
N ASN B 114 -8.50 34.21 -5.55
CA ASN B 114 -7.95 35.57 -5.47
C ASN B 114 -8.26 36.27 -4.15
N GLY B 115 -9.10 35.67 -3.34
CA GLY B 115 -9.49 36.09 -2.02
C GLY B 115 -8.97 35.18 -0.92
N GLY B 116 -8.31 34.06 -1.24
CA GLY B 116 -7.71 33.26 -0.17
C GLY B 116 -7.74 31.75 -0.35
N THR B 117 -7.60 30.99 0.73
CA THR B 117 -7.55 29.55 0.69
C THR B 117 -8.93 28.96 0.63
N VAL B 118 -9.33 28.21 -0.40
CA VAL B 118 -10.69 27.64 -0.35
C VAL B 118 -10.77 26.16 0.07
N ASP B 119 -9.69 25.38 0.07
CA ASP B 119 -9.73 23.98 0.51
C ASP B 119 -8.34 23.48 0.90
N GLU B 120 -8.28 22.48 1.80
CA GLU B 120 -6.98 21.92 2.22
C GLU B 120 -7.05 20.40 2.43
N LYS B 121 -5.96 19.69 2.15
CA LYS B 121 -5.95 18.25 2.41
C LYS B 121 -4.51 17.86 2.82
N CYS B 122 -4.42 16.84 3.66
CA CYS B 122 -3.11 16.31 4.03
C CYS B 122 -3.16 14.78 3.86
N PHE B 123 -2.09 14.15 3.36
CA PHE B 123 -2.09 12.70 3.12
C PHE B 123 -0.65 12.20 2.99
N SER B 124 -0.47 10.88 3.04
CA SER B 124 0.76 10.24 2.70
C SER B 124 0.54 9.48 1.40
N VAL B 125 1.58 9.22 0.62
CA VAL B 125 1.35 8.50 -0.63
C VAL B 125 0.67 7.17 -0.45
N ASP B 126 1.04 6.33 0.50
CA ASP B 126 0.39 5.01 0.65
C ASP B 126 -1.08 5.11 1.00
N GLU B 127 -1.58 6.20 1.59
CA GLU B 127 -3.01 6.34 1.83
C GLU B 127 -3.74 6.61 0.52
N ILE B 128 -3.08 7.10 -0.53
CA ILE B 128 -3.81 7.44 -1.75
C ILE B 128 -3.52 6.48 -2.93
N VAL B 129 -2.85 5.38 -2.70
CA VAL B 129 -2.58 4.41 -3.79
C VAL B 129 -3.86 3.75 -4.25
N GLN B 130 -4.12 3.73 -5.54
CA GLN B 130 -5.33 3.13 -6.09
C GLN B 130 -4.87 2.63 -7.46
N PRO B 131 -4.54 1.37 -7.55
CA PRO B 131 -3.95 0.84 -8.76
C PRO B 131 -4.82 0.85 -9.98
N ASP B 132 -4.20 0.98 -11.17
CA ASP B 132 -4.85 0.83 -12.44
C ASP B 132 -5.38 -0.61 -12.49
N PRO B 133 -6.35 -0.86 -13.35
CA PRO B 133 -6.90 -2.21 -13.44
C PRO B 133 -6.05 -3.19 -14.21
N PRO B 134 -6.26 -4.46 -13.94
CA PRO B 134 -5.69 -5.55 -14.70
C PRO B 134 -6.21 -5.47 -16.15
N ILE B 135 -5.38 -5.99 -17.04
CA ILE B 135 -5.63 -5.97 -18.49
C ILE B 135 -5.47 -7.40 -19.03
N ALA B 136 -5.79 -7.52 -20.32
CA ALA B 136 -5.73 -8.80 -21.03
C ALA B 136 -6.51 -9.93 -20.38
N LEU B 137 -7.74 -9.72 -20.00
CA LEU B 137 -8.64 -10.70 -19.45
C LEU B 137 -8.93 -11.77 -20.50
N ASN B 138 -8.96 -13.05 -20.12
CA ASN B 138 -9.34 -14.11 -21.05
C ASN B 138 -9.95 -15.26 -20.25
N TRP B 139 -10.72 -16.17 -20.83
CA TRP B 139 -11.21 -17.30 -20.06
C TRP B 139 -10.96 -18.60 -20.87
N THR B 140 -11.05 -19.73 -20.19
CA THR B 140 -11.05 -20.99 -20.97
C THR B 140 -11.79 -22.04 -20.16
N LEU B 141 -12.32 -23.11 -20.77
CA LEU B 141 -13.01 -24.13 -20.03
C LEU B 141 -12.07 -24.89 -19.09
N LEU B 142 -12.55 -25.16 -17.90
CA LEU B 142 -11.80 -25.88 -16.87
C LEU B 142 -12.24 -27.36 -16.79
N ASN B 143 -13.55 -27.65 -16.77
CA ASN B 143 -14.04 -29.02 -16.62
C ASN B 143 -13.99 -29.76 -17.94
N VAL B 144 -13.94 -31.12 -17.94
CA VAL B 144 -13.75 -31.83 -19.19
C VAL B 144 -14.98 -32.48 -19.81
N SER B 145 -16.16 -32.36 -19.24
CA SER B 145 -17.40 -32.86 -19.75
C SER B 145 -17.89 -32.28 -21.08
N LEU B 146 -18.61 -33.15 -21.79
CA LEU B 146 -19.19 -32.83 -23.08
C LEU B 146 -20.72 -32.81 -23.02
N THR B 147 -21.35 -33.15 -21.90
CA THR B 147 -22.81 -33.19 -21.84
C THR B 147 -23.46 -32.38 -20.71
N GLY B 148 -22.67 -31.67 -19.89
CA GLY B 148 -23.31 -30.94 -18.79
C GLY B 148 -24.23 -29.80 -19.24
N ILE B 149 -25.13 -29.48 -18.32
CA ILE B 149 -26.01 -28.32 -18.46
C ILE B 149 -25.23 -27.12 -17.86
N HIS B 150 -24.23 -27.43 -17.04
CA HIS B 150 -23.36 -26.46 -16.42
C HIS B 150 -21.90 -26.61 -16.86
N ALA B 151 -21.09 -25.57 -16.62
CA ALA B 151 -19.68 -25.65 -16.91
C ALA B 151 -18.90 -24.78 -15.94
N ASP B 152 -17.66 -25.14 -15.66
CA ASP B 152 -16.73 -24.37 -14.89
C ASP B 152 -15.70 -23.79 -15.90
N ILE B 153 -15.29 -22.58 -15.63
CA ILE B 153 -14.27 -21.89 -16.38
C ILE B 153 -13.10 -21.47 -15.51
N GLN B 154 -11.99 -21.03 -16.10
CA GLN B 154 -10.88 -20.38 -15.44
C GLN B 154 -10.68 -19.02 -16.14
N VAL B 155 -10.62 -17.97 -15.38
CA VAL B 155 -10.41 -16.61 -15.88
C VAL B 155 -8.98 -16.18 -15.51
N ARG B 156 -8.29 -15.47 -16.42
CA ARG B 156 -6.94 -15.02 -16.15
C ARG B 156 -6.68 -13.60 -16.66
N TRP B 157 -5.69 -12.96 -16.05
CA TRP B 157 -5.38 -11.59 -16.41
C TRP B 157 -3.93 -11.27 -16.17
N GLU B 158 -3.62 -10.01 -16.48
CA GLU B 158 -2.25 -9.53 -16.18
C GLU B 158 -2.33 -8.33 -15.26
N ALA B 159 -1.33 -8.05 -14.44
CA ALA B 159 -1.30 -6.86 -13.59
C ALA B 159 -1.16 -5.62 -14.52
N PRO B 160 -1.59 -4.48 -14.06
CA PRO B 160 -1.45 -3.21 -14.78
C PRO B 160 0.03 -3.03 -15.13
N ARG B 161 0.36 -2.52 -16.31
CA ARG B 161 1.77 -2.45 -16.73
C ARG B 161 2.60 -1.49 -15.89
N ASN B 162 2.06 -0.42 -15.33
CA ASN B 162 2.94 0.51 -14.58
C ASN B 162 3.26 0.06 -13.15
N ALA B 163 2.83 -1.11 -12.68
CA ALA B 163 3.05 -1.50 -11.28
C ALA B 163 4.33 -2.30 -11.13
N ASP B 164 5.19 -2.03 -10.14
CA ASP B 164 6.40 -2.85 -10.10
C ASP B 164 6.21 -3.99 -9.12
N ILE B 165 5.64 -5.07 -9.64
CA ILE B 165 5.47 -6.31 -8.91
C ILE B 165 6.75 -7.13 -8.90
N GLN B 166 7.40 -7.31 -10.04
CA GLN B 166 8.57 -8.16 -10.17
C GLN B 166 9.76 -7.82 -9.30
N LYS B 167 9.98 -6.58 -8.88
CA LYS B 167 11.07 -6.23 -7.99
C LYS B 167 10.61 -5.80 -6.61
N GLY B 168 9.31 -6.03 -6.28
CA GLY B 168 8.87 -5.85 -4.93
C GLY B 168 8.42 -4.48 -4.43
N TRP B 169 8.28 -3.46 -5.29
CA TRP B 169 7.83 -2.14 -4.92
C TRP B 169 6.33 -2.16 -4.66
N MET B 170 5.56 -2.97 -5.39
CA MET B 170 4.13 -3.10 -5.07
C MET B 170 3.73 -4.56 -4.86
N VAL B 171 2.74 -4.88 -4.04
CA VAL B 171 2.16 -6.22 -3.91
C VAL B 171 0.64 -6.07 -4.06
N LEU B 172 0.04 -6.71 -5.07
CA LEU B 172 -1.38 -6.48 -5.32
C LEU B 172 -2.28 -7.64 -4.86
N GLU B 173 -3.56 -7.29 -4.62
CA GLU B 173 -4.60 -8.30 -4.42
C GLU B 173 -5.68 -7.93 -5.46
N TYR B 174 -6.53 -8.81 -5.90
CA TYR B 174 -7.48 -8.62 -6.95
C TYR B 174 -8.88 -9.04 -6.52
N GLU B 175 -9.89 -8.28 -6.87
CA GLU B 175 -11.29 -8.74 -6.59
C GLU B 175 -12.05 -8.91 -7.89
N LEU B 176 -12.52 -10.11 -8.21
CA LEU B 176 -13.25 -10.45 -9.40
C LEU B 176 -14.75 -10.40 -9.13
N GLN B 177 -15.54 -9.90 -10.07
CA GLN B 177 -17.01 -9.89 -10.04
C GLN B 177 -17.57 -10.53 -11.31
N TYR B 178 -18.76 -11.16 -11.29
CA TYR B 178 -19.35 -11.67 -12.51
C TYR B 178 -20.88 -11.71 -12.39
N LYS B 179 -21.61 -11.79 -13.48
CA LYS B 179 -23.08 -11.89 -13.39
C LYS B 179 -23.58 -12.31 -14.78
N GLU B 180 -24.81 -12.76 -14.90
CA GLU B 180 -25.45 -13.07 -16.17
C GLU B 180 -25.72 -11.75 -16.87
N VAL B 181 -25.62 -11.60 -18.20
CA VAL B 181 -25.60 -10.26 -18.82
C VAL B 181 -26.92 -9.48 -18.67
N ASN B 182 -28.00 -10.19 -18.39
CA ASN B 182 -29.30 -9.58 -18.17
C ASN B 182 -29.55 -9.19 -16.74
N GLU B 183 -28.65 -9.46 -15.79
CA GLU B 183 -28.85 -9.13 -14.40
C GLU B 183 -28.39 -7.73 -14.04
N THR B 184 -28.94 -7.06 -13.01
CA THR B 184 -28.44 -5.75 -12.64
C THR B 184 -27.40 -5.85 -11.53
N LYS B 185 -27.49 -6.88 -10.67
CA LYS B 185 -26.46 -7.00 -9.63
C LYS B 185 -25.33 -7.97 -9.96
N TRP B 186 -24.14 -7.70 -9.46
CA TRP B 186 -22.95 -8.50 -9.73
C TRP B 186 -22.63 -9.40 -8.55
N LYS B 187 -22.17 -10.62 -8.75
CA LYS B 187 -21.77 -11.45 -7.60
C LYS B 187 -20.31 -11.13 -7.30
N MET B 188 -19.90 -11.03 -6.04
CA MET B 188 -18.56 -10.55 -5.69
C MET B 188 -17.74 -11.62 -5.01
N MET B 189 -16.55 -11.95 -5.51
CA MET B 189 -15.73 -12.96 -4.89
C MET B 189 -14.81 -12.30 -3.84
N ASP B 190 -14.33 -13.07 -2.87
CA ASP B 190 -13.33 -12.59 -1.95
C ASP B 190 -12.02 -12.37 -2.76
N PRO B 191 -11.21 -11.45 -2.30
CA PRO B 191 -9.99 -11.05 -2.98
C PRO B 191 -8.95 -12.17 -3.01
N ILE B 192 -8.12 -12.21 -4.05
CA ILE B 192 -7.08 -13.24 -4.17
C ILE B 192 -5.74 -12.62 -4.49
N LEU B 193 -4.68 -13.37 -4.41
CA LEU B 193 -3.33 -12.94 -4.67
C LEU B 193 -2.83 -13.27 -6.06
N THR B 194 -3.50 -14.17 -6.77
CA THR B 194 -3.00 -14.63 -8.06
C THR B 194 -3.63 -13.86 -9.21
N THR B 195 -3.14 -14.10 -10.44
CA THR B 195 -3.74 -13.47 -11.59
C THR B 195 -4.62 -14.42 -12.40
N SER B 196 -5.17 -15.42 -11.74
CA SER B 196 -6.14 -16.32 -12.34
C SER B 196 -6.96 -17.02 -11.26
N VAL B 197 -8.18 -17.44 -11.58
CA VAL B 197 -9.13 -18.09 -10.70
C VAL B 197 -10.29 -18.74 -11.45
N PRO B 198 -10.85 -19.88 -10.97
CA PRO B 198 -12.00 -20.49 -11.52
C PRO B 198 -13.31 -19.76 -11.18
N VAL B 199 -14.31 -19.94 -12.06
CA VAL B 199 -15.66 -19.48 -11.75
C VAL B 199 -16.50 -20.75 -11.99
N TYR B 200 -17.30 -21.20 -11.05
CA TYR B 200 -17.91 -22.52 -11.13
C TYR B 200 -19.41 -22.49 -11.43
N SER B 201 -19.95 -23.55 -11.99
CA SER B 201 -21.34 -23.78 -12.21
C SER B 201 -22.09 -22.74 -13.01
N LEU B 202 -21.57 -22.31 -14.14
CA LEU B 202 -22.25 -21.35 -15.01
C LEU B 202 -23.19 -22.16 -15.89
N LYS B 203 -24.38 -21.68 -16.19
CA LYS B 203 -25.29 -22.37 -17.10
C LYS B 203 -24.81 -22.18 -18.53
N VAL B 204 -24.70 -23.25 -19.33
CA VAL B 204 -24.19 -23.13 -20.70
C VAL B 204 -25.13 -22.40 -21.63
N ASP B 205 -26.38 -22.29 -21.25
CA ASP B 205 -27.47 -21.66 -21.91
C ASP B 205 -27.45 -20.14 -21.72
N LYS B 206 -26.67 -19.60 -20.80
CA LYS B 206 -26.72 -18.18 -20.52
C LYS B 206 -25.40 -17.46 -20.88
N GLU B 207 -25.43 -16.18 -21.19
CA GLU B 207 -24.20 -15.43 -21.38
C GLU B 207 -23.84 -14.72 -20.08
N TYR B 208 -22.55 -14.73 -19.71
CA TYR B 208 -22.02 -14.10 -18.53
C TYR B 208 -21.01 -12.99 -18.84
N GLU B 209 -20.67 -12.17 -17.85
CA GLU B 209 -19.67 -11.12 -18.03
C GLU B 209 -18.89 -10.96 -16.71
N VAL B 210 -17.58 -10.69 -16.81
CA VAL B 210 -16.69 -10.71 -15.68
C VAL B 210 -15.82 -9.45 -15.59
N ARG B 211 -15.55 -8.89 -14.42
CA ARG B 211 -14.68 -7.70 -14.38
C ARG B 211 -13.76 -7.82 -13.16
N VAL B 212 -12.58 -7.23 -13.14
CA VAL B 212 -11.63 -7.36 -12.04
C VAL B 212 -11.03 -6.05 -11.59
N ARG B 213 -10.72 -5.81 -10.29
CA ARG B 213 -10.06 -4.56 -9.96
C ARG B 213 -8.91 -4.87 -9.02
N SER B 214 -7.97 -3.97 -8.73
CA SER B 214 -6.89 -4.30 -7.82
C SER B 214 -6.70 -3.35 -6.65
N LYS B 215 -5.84 -3.75 -5.72
CA LYS B 215 -5.51 -2.84 -4.62
C LYS B 215 -4.14 -3.27 -4.13
N GLN B 216 -3.39 -2.35 -3.54
CA GLN B 216 -2.14 -2.61 -2.86
C GLN B 216 -2.49 -3.25 -1.51
N ARG B 217 -1.79 -4.30 -1.14
CA ARG B 217 -2.11 -5.01 0.09
C ARG B 217 -1.99 -4.12 1.35
N ASN B 218 -3.05 -4.20 2.13
CA ASN B 218 -3.22 -3.41 3.34
C ASN B 218 -3.18 -1.91 3.22
N SER B 219 -3.33 -1.25 2.07
CA SER B 219 -3.30 0.22 2.08
C SER B 219 -4.01 0.85 0.88
N GLY B 220 -4.33 2.16 0.95
CA GLY B 220 -5.05 2.79 -0.12
C GLY B 220 -6.38 2.11 -0.37
N ASN B 221 -6.94 2.27 -1.55
CA ASN B 221 -8.23 1.69 -1.90
C ASN B 221 -8.19 0.89 -3.20
N TYR B 222 -9.24 0.14 -3.49
CA TYR B 222 -9.36 -0.48 -4.83
C TYR B 222 -9.41 0.60 -5.91
N GLY B 223 -8.86 0.39 -7.08
CA GLY B 223 -8.94 1.22 -8.25
C GLY B 223 -10.17 0.86 -9.10
N GLU B 224 -10.23 1.36 -10.31
CA GLU B 224 -11.33 1.08 -11.24
C GLU B 224 -11.32 -0.36 -11.76
N PHE B 225 -12.47 -0.85 -12.17
CA PHE B 225 -12.64 -2.13 -12.81
C PHE B 225 -11.99 -2.19 -14.19
N SER B 226 -11.52 -3.36 -14.59
CA SER B 226 -10.99 -3.64 -15.91
C SER B 226 -12.13 -3.52 -16.93
N GLU B 227 -11.80 -3.62 -18.22
CA GLU B 227 -12.91 -3.71 -19.21
C GLU B 227 -13.65 -5.03 -18.97
N VAL B 228 -14.93 -5.13 -19.31
CA VAL B 228 -15.63 -6.36 -19.08
C VAL B 228 -15.22 -7.45 -20.10
N LEU B 229 -15.18 -8.70 -19.57
CA LEU B 229 -14.96 -9.84 -20.42
C LEU B 229 -16.28 -10.60 -20.55
N TYR B 230 -16.74 -10.79 -21.78
CA TYR B 230 -17.95 -11.56 -22.04
C TYR B 230 -17.70 -13.08 -22.09
N VAL B 231 -18.54 -13.89 -21.50
CA VAL B 231 -18.39 -15.36 -21.52
C VAL B 231 -19.58 -16.03 -22.19
N THR B 232 -19.35 -16.62 -23.33
CA THR B 232 -20.39 -17.36 -24.05
C THR B 232 -19.90 -18.80 -24.21
N LEU B 233 -20.51 -19.75 -23.54
CA LEU B 233 -20.11 -21.15 -23.48
C LEU B 233 -20.70 -21.93 -24.66
N PRO B 234 -19.99 -22.85 -25.29
CA PRO B 234 -20.60 -23.69 -26.30
C PRO B 234 -21.74 -24.52 -25.70
N GLN B 235 -22.72 -24.91 -26.52
CA GLN B 235 -23.80 -25.74 -25.99
C GLN B 235 -24.39 -26.63 -27.08
N MET B 236 -24.94 -27.77 -26.64
CA MET B 236 -25.64 -28.62 -27.61
C MET B 236 -26.78 -29.39 -26.93
S SO4 C . -24.69 -30.84 -14.94
O1 SO4 C . -25.48 -30.11 -13.92
O2 SO4 C . -24.15 -32.14 -14.40
O3 SO4 C . -23.54 -30.08 -15.52
O4 SO4 C . -25.58 -31.26 -16.10
#